data_2EAX
#
_entry.id   2EAX
#
_cell.length_a   41.940
_cell.length_b   61.390
_cell.length_c   97.950
_cell.angle_alpha   90.00
_cell.angle_beta   96.45
_cell.angle_gamma   90.00
#
_symmetry.space_group_name_H-M   'P 1 21 1'
#
loop_
_entity.id
_entity.type
_entity.pdbx_description
1 polymer 'Peptidoglycan recognition protein-I-beta'
2 polymer 'GLYCOSAMYL MURAMYL PENTAPEPTIDE'
3 branched '2-acetamido-2-deoxy-beta-D-glucopyranose-(1-4)-methyl 2-acetamido-3-O-[(1R)-1-carboxyethyl]-2-deoxy-beta-D-glucopyranoside'
4 water water
#
loop_
_entity_poly.entity_id
_entity_poly.type
_entity_poly.pdbx_seq_one_letter_code
_entity_poly.pdbx_strand_id
1 'polypeptide(L)'
;CPGIVPRSVWGARETHCPRMTLPAKYGIIIHTAGRTCNISDECRLLVRDIQSFYIDRLKSCDIGYNFLVGQDGAIYEGVG
WNVQGSSTPGYDDIALGITFMGTFTGIPPNAAALEAAQDLIQCAMVKGYLTPNYLLVGHSDVARTLSPGQALYNIISTWP
HFKH
;
A,B,C
2 'polypeptide(L)' A(FGA)K(DAL)(DAL) L
#
# COMPACT_ATOMS: atom_id res chain seq x y z
N CYS A 1 -17.51 20.89 -5.64
CA CYS A 1 -16.81 22.02 -4.95
C CYS A 1 -16.89 23.29 -5.80
N PRO A 2 -17.22 24.43 -5.16
CA PRO A 2 -17.31 25.70 -5.88
C PRO A 2 -15.98 26.20 -6.45
N GLY A 3 -16.07 27.07 -7.45
CA GLY A 3 -14.89 27.62 -8.09
C GLY A 3 -14.28 26.75 -9.16
N ILE A 4 -15.11 25.98 -9.85
CA ILE A 4 -14.64 25.07 -10.90
C ILE A 4 -15.42 25.22 -12.22
N VAL A 5 -14.73 25.57 -13.30
CA VAL A 5 -15.36 25.72 -14.62
C VAL A 5 -15.35 24.31 -15.25
N PRO A 6 -16.54 23.78 -15.62
CA PRO A 6 -16.72 22.44 -16.22
C PRO A 6 -16.31 22.23 -17.68
N ARG A 7 -16.13 20.97 -18.05
CA ARG A 7 -15.74 20.59 -19.41
C ARG A 7 -16.54 21.30 -20.52
N SER A 8 -17.86 21.36 -20.39
CA SER A 8 -18.69 22.00 -21.40
C SER A 8 -18.40 23.49 -21.57
N VAL A 9 -18.02 24.15 -20.49
CA VAL A 9 -17.71 25.58 -20.54
C VAL A 9 -16.46 25.90 -21.37
N TRP A 10 -15.39 25.12 -21.21
CA TRP A 10 -14.18 25.37 -22.00
C TRP A 10 -14.17 24.56 -23.30
N GLY A 11 -15.23 23.80 -23.54
CA GLY A 11 -15.38 23.03 -24.76
C GLY A 11 -14.53 21.81 -24.97
N ALA A 12 -14.58 20.85 -24.04
CA ALA A 12 -13.78 19.63 -24.15
C ALA A 12 -14.27 18.65 -25.22
N ARG A 13 -13.36 17.78 -25.67
CA ARG A 13 -13.69 16.75 -26.67
C ARG A 13 -14.27 15.54 -25.94
N GLU A 14 -15.15 14.81 -26.61
CA GLU A 14 -15.80 13.64 -26.01
C GLU A 14 -14.89 12.42 -25.89
N THR A 15 -15.01 11.71 -24.77
CA THR A 15 -14.20 10.51 -24.51
C THR A 15 -14.94 9.53 -23.61
N HIS A 16 -14.40 8.33 -23.46
CA HIS A 16 -14.98 7.29 -22.61
C HIS A 16 -13.86 6.44 -22.00
N CYS A 17 -13.31 6.91 -20.88
CA CYS A 17 -12.19 6.25 -20.20
C CYS A 17 -12.53 5.62 -18.86
N PRO A 18 -11.65 4.72 -18.36
CA PRO A 18 -11.80 4.00 -17.09
C PRO A 18 -12.10 4.90 -15.88
N ARG A 19 -13.08 4.49 -15.07
CA ARG A 19 -13.48 5.25 -13.90
C ARG A 19 -12.62 5.01 -12.66
N MET A 20 -12.65 5.99 -11.77
CA MET A 20 -11.90 5.98 -10.51
C MET A 20 -12.78 5.60 -9.33
N THR A 21 -12.20 4.95 -8.32
CA THR A 21 -12.93 4.53 -7.12
C THR A 21 -12.54 5.43 -5.93
N LEU A 22 -13.52 6.12 -5.35
CA LEU A 22 -13.27 7.01 -4.21
C LEU A 22 -13.52 6.35 -2.86
N PRO A 23 -12.83 6.81 -1.80
CA PRO A 23 -11.84 7.90 -1.79
C PRO A 23 -10.48 7.48 -2.34
N ALA A 24 -9.60 8.45 -2.53
CA ALA A 24 -8.25 8.20 -3.03
C ALA A 24 -7.24 8.40 -1.91
N LYS A 25 -6.37 7.43 -1.70
CA LYS A 25 -5.38 7.51 -0.63
C LYS A 25 -4.24 8.51 -0.85
N TYR A 26 -3.95 8.84 -2.11
CA TYR A 26 -2.88 9.79 -2.40
C TYR A 26 -3.34 11.06 -3.12
N GLY A 27 -2.55 12.13 -2.95
CA GLY A 27 -2.82 13.40 -3.59
C GLY A 27 -1.53 13.77 -4.27
N ILE A 28 -1.55 13.99 -5.58
CA ILE A 28 -0.32 14.29 -6.31
C ILE A 28 -0.24 15.67 -6.95
N ILE A 29 0.74 16.45 -6.49
CA ILE A 29 0.94 17.79 -7.02
C ILE A 29 1.89 17.71 -8.21
N ILE A 30 1.41 18.17 -9.36
CA ILE A 30 2.17 18.13 -10.61
C ILE A 30 2.12 19.48 -11.33
N HIS A 31 2.98 19.65 -12.34
CA HIS A 31 3.01 20.86 -13.15
C HIS A 31 3.19 20.43 -14.61
N THR A 32 2.66 21.22 -15.53
CA THR A 32 2.74 20.89 -16.95
C THR A 32 4.10 21.17 -17.61
N ALA A 33 4.86 22.09 -17.02
CA ALA A 33 6.16 22.45 -17.58
C ALA A 33 5.94 23.12 -18.92
N GLY A 34 4.77 23.74 -19.09
CA GLY A 34 4.43 24.42 -20.32
C GLY A 34 4.14 25.89 -20.08
N ARG A 35 3.33 26.51 -20.93
CA ARG A 35 3.01 27.92 -20.78
C ARG A 35 1.85 28.11 -19.80
N THR A 36 1.73 29.30 -19.22
CA THR A 36 0.66 29.57 -18.26
C THR A 36 -0.44 30.46 -18.85
N CYS A 37 -1.41 30.84 -18.02
CA CYS A 37 -2.52 31.69 -18.45
C CYS A 37 -2.98 32.57 -17.29
N ASN A 38 -3.36 33.81 -17.59
CA ASN A 38 -3.80 34.75 -16.57
C ASN A 38 -5.25 35.26 -16.71
N ILE A 39 -5.81 35.19 -17.92
CA ILE A 39 -7.19 35.64 -18.16
C ILE A 39 -8.07 34.47 -18.61
N SER A 40 -9.24 34.36 -18.00
CA SER A 40 -10.20 33.28 -18.30
C SER A 40 -10.25 32.75 -19.74
N ASP A 41 -10.63 33.62 -20.69
CA ASP A 41 -10.74 33.22 -22.09
C ASP A 41 -9.47 32.58 -22.64
N GLU A 42 -8.33 32.94 -22.06
CA GLU A 42 -7.03 32.40 -22.46
C GLU A 42 -6.80 31.01 -21.85
N CYS A 43 -7.22 30.85 -20.60
CA CYS A 43 -7.05 29.57 -19.91
C CYS A 43 -7.93 28.48 -20.55
N ARG A 44 -9.17 28.84 -20.88
CA ARG A 44 -10.10 27.90 -21.49
C ARG A 44 -9.48 27.31 -22.76
N LEU A 45 -8.72 28.12 -23.48
CA LEU A 45 -8.06 27.67 -24.71
C LEU A 45 -6.84 26.78 -24.41
N LEU A 46 -6.06 27.13 -23.39
CA LEU A 46 -4.87 26.33 -23.04
C LEU A 46 -5.29 24.92 -22.61
N VAL A 47 -6.43 24.84 -21.94
CA VAL A 47 -6.95 23.58 -21.46
C VAL A 47 -7.31 22.67 -22.64
N ARG A 48 -7.87 23.27 -23.69
CA ARG A 48 -8.25 22.54 -24.89
C ARG A 48 -6.97 22.00 -25.57
N ASP A 49 -5.91 22.81 -25.54
CA ASP A 49 -4.63 22.42 -26.15
C ASP A 49 -3.99 21.23 -25.43
N ILE A 50 -4.11 21.20 -24.10
CA ILE A 50 -3.52 20.10 -23.33
C ILE A 50 -4.25 18.79 -23.57
N GLN A 51 -5.57 18.82 -23.56
CA GLN A 51 -6.34 17.60 -23.78
C GLN A 51 -6.00 16.93 -25.12
N SER A 52 -5.97 17.73 -26.18
CA SER A 52 -5.67 17.24 -27.51
C SER A 52 -4.27 16.63 -27.65
N PHE A 53 -3.32 17.09 -26.84
CA PHE A 53 -1.96 16.57 -26.87
C PHE A 53 -1.89 15.14 -26.33
N TYR A 54 -2.61 14.89 -25.24
CA TYR A 54 -2.66 13.58 -24.61
C TYR A 54 -3.33 12.56 -25.53
N ILE A 55 -4.43 12.98 -26.15
CA ILE A 55 -5.22 12.15 -27.05
C ILE A 55 -4.58 11.91 -28.42
N ASP A 56 -4.25 13.00 -29.12
CA ASP A 56 -3.67 12.89 -30.45
C ASP A 56 -2.21 12.43 -30.50
N ARG A 57 -1.38 12.95 -29.59
CA ARG A 57 0.06 12.64 -29.59
C ARG A 57 0.55 11.49 -28.71
N LEU A 58 0.21 11.50 -27.43
CA LEU A 58 0.65 10.44 -26.53
C LEU A 58 -0.20 9.18 -26.61
N LYS A 59 -1.24 9.23 -27.43
CA LYS A 59 -2.15 8.10 -27.59
C LYS A 59 -2.86 7.71 -26.29
N SER A 60 -3.10 8.68 -25.41
CA SER A 60 -3.80 8.41 -24.16
C SER A 60 -5.31 8.50 -24.37
N CYS A 61 -6.08 7.98 -23.44
CA CYS A 61 -7.54 8.00 -23.57
C CYS A 61 -8.15 9.40 -23.38
N ASP A 62 -7.55 10.20 -22.51
CA ASP A 62 -8.04 11.56 -22.25
C ASP A 62 -6.90 12.36 -21.57
N ILE A 63 -7.20 13.55 -21.07
CA ILE A 63 -6.20 14.36 -20.40
C ILE A 63 -5.76 13.53 -19.18
N GLY A 64 -4.46 13.46 -18.93
CA GLY A 64 -3.99 12.66 -17.81
C GLY A 64 -4.03 13.27 -16.43
N TYR A 65 -4.86 14.31 -16.23
CA TYR A 65 -4.96 15.00 -14.94
C TYR A 65 -6.42 15.14 -14.49
N ASN A 66 -6.67 14.97 -13.19
CA ASN A 66 -8.02 15.11 -12.66
C ASN A 66 -8.46 16.59 -12.64
N PHE A 67 -7.58 17.48 -12.19
CA PHE A 67 -7.91 18.92 -12.15
C PHE A 67 -6.69 19.80 -12.50
N LEU A 68 -6.97 21.02 -12.97
CA LEU A 68 -5.93 21.99 -13.33
C LEU A 68 -6.14 23.37 -12.69
N VAL A 69 -5.06 24.13 -12.56
CA VAL A 69 -5.12 25.44 -11.93
C VAL A 69 -4.59 26.57 -12.83
N GLY A 70 -5.39 27.63 -12.95
CA GLY A 70 -4.99 28.78 -13.75
C GLY A 70 -4.63 29.93 -12.82
N GLN A 71 -3.93 30.94 -13.33
CA GLN A 71 -3.52 32.08 -12.52
C GLN A 71 -4.55 33.22 -12.56
N ASP A 72 -5.76 32.88 -12.99
CA ASP A 72 -6.84 33.84 -13.05
C ASP A 72 -7.68 33.57 -11.80
N GLY A 73 -7.14 32.71 -10.94
CA GLY A 73 -7.81 32.34 -9.71
C GLY A 73 -8.86 31.25 -9.82
N ALA A 74 -8.96 30.61 -10.98
CA ALA A 74 -9.97 29.56 -11.17
C ALA A 74 -9.41 28.15 -11.33
N ILE A 75 -10.29 27.17 -11.10
CA ILE A 75 -9.94 25.75 -11.20
C ILE A 75 -10.65 25.15 -12.43
N TYR A 76 -9.93 24.32 -13.18
CA TYR A 76 -10.46 23.69 -14.39
C TYR A 76 -10.45 22.16 -14.37
N GLU A 77 -11.63 21.57 -14.58
CA GLU A 77 -11.80 20.12 -14.59
C GLU A 77 -11.13 19.40 -15.77
N GLY A 78 -10.24 18.44 -15.46
CA GLY A 78 -9.57 17.68 -16.50
C GLY A 78 -10.39 16.45 -16.84
N VAL A 79 -10.28 15.42 -16.01
CA VAL A 79 -11.05 14.20 -16.21
C VAL A 79 -12.10 14.12 -15.09
N GLY A 80 -11.86 14.90 -14.05
CA GLY A 80 -12.79 14.96 -12.92
C GLY A 80 -12.49 14.11 -11.69
N TRP A 81 -13.45 14.06 -10.78
CA TRP A 81 -13.30 13.27 -9.57
C TRP A 81 -13.53 11.78 -9.85
N ASN A 82 -14.40 11.50 -10.82
CA ASN A 82 -14.76 10.12 -11.14
C ASN A 82 -14.04 9.36 -12.25
N VAL A 83 -12.90 9.87 -12.72
CA VAL A 83 -12.13 9.19 -13.76
C VAL A 83 -10.64 9.14 -13.42
N GLN A 84 -10.00 8.01 -13.76
CA GLN A 84 -8.58 7.84 -13.49
C GLN A 84 -7.76 8.68 -14.47
N GLY A 85 -6.64 9.20 -13.99
CA GLY A 85 -5.78 9.98 -14.85
C GLY A 85 -4.67 9.02 -15.25
N SER A 86 -3.61 9.52 -15.88
CA SER A 86 -2.49 8.67 -16.28
C SER A 86 -1.20 9.48 -16.23
N SER A 87 -0.55 9.52 -15.07
CA SER A 87 0.68 10.29 -14.91
C SER A 87 1.69 9.67 -13.94
N THR A 88 1.25 8.68 -13.17
CA THR A 88 2.11 7.99 -12.20
C THR A 88 1.88 6.48 -12.25
N PRO A 89 2.68 5.73 -13.02
CA PRO A 89 2.53 4.27 -13.14
C PRO A 89 2.58 3.51 -11.82
N GLY A 90 1.45 2.92 -11.43
CA GLY A 90 1.38 2.16 -10.20
C GLY A 90 0.60 2.84 -9.08
N TYR A 91 0.30 4.12 -9.25
CA TYR A 91 -0.45 4.89 -8.25
C TYR A 91 -1.71 5.53 -8.83
N ASP A 92 -1.91 5.38 -10.14
CA ASP A 92 -3.05 5.95 -10.86
C ASP A 92 -4.45 5.58 -10.35
N ASP A 93 -4.68 4.31 -10.06
CA ASP A 93 -6.00 3.90 -9.59
C ASP A 93 -6.29 4.21 -8.13
N ILE A 94 -5.37 4.90 -7.47
CA ILE A 94 -5.54 5.25 -6.06
C ILE A 94 -5.07 6.68 -5.72
N ALA A 95 -5.08 7.58 -6.70
CA ALA A 95 -4.63 8.94 -6.46
C ALA A 95 -5.35 9.99 -7.31
N LEU A 96 -5.27 11.24 -6.86
CA LEU A 96 -5.88 12.38 -7.53
C LEU A 96 -4.80 13.37 -7.97
N GLY A 97 -4.55 13.45 -9.26
CA GLY A 97 -3.54 14.37 -9.76
C GLY A 97 -4.02 15.81 -9.90
N ILE A 98 -3.29 16.74 -9.28
CA ILE A 98 -3.61 18.18 -9.33
C ILE A 98 -2.39 18.89 -9.90
N THR A 99 -2.55 19.53 -11.06
CA THR A 99 -1.43 20.21 -11.70
C THR A 99 -1.68 21.66 -12.13
N PHE A 100 -0.71 22.52 -11.82
CA PHE A 100 -0.80 23.93 -12.19
C PHE A 100 -0.32 24.14 -13.64
N MET A 101 -1.10 24.83 -14.44
CA MET A 101 -0.72 25.09 -15.84
C MET A 101 0.44 26.08 -15.87
N GLY A 102 1.64 25.57 -16.18
CA GLY A 102 2.82 26.41 -16.24
C GLY A 102 4.11 25.71 -15.85
N THR A 103 5.20 26.46 -15.70
CA THR A 103 6.48 25.88 -15.30
C THR A 103 6.94 26.59 -14.03
N PHE A 104 7.04 25.81 -12.93
CA PHE A 104 7.42 26.38 -11.65
C PHE A 104 8.64 25.78 -10.96
N THR A 105 9.76 25.72 -11.67
CA THR A 105 11.00 25.18 -11.10
C THR A 105 11.77 26.26 -10.35
N GLY A 106 11.58 27.50 -10.77
CA GLY A 106 12.26 28.60 -10.11
C GLY A 106 11.29 29.59 -9.50
N ILE A 107 10.16 29.81 -10.18
CA ILE A 107 9.14 30.73 -9.71
C ILE A 107 7.83 30.00 -9.41
N PRO A 108 7.31 30.16 -8.17
CA PRO A 108 6.05 29.52 -7.77
C PRO A 108 4.86 30.32 -8.30
N PRO A 109 3.64 29.75 -8.24
CA PRO A 109 2.40 30.39 -8.70
C PRO A 109 1.91 31.51 -7.77
N ASN A 110 1.19 32.48 -8.33
CA ASN A 110 0.67 33.60 -7.56
C ASN A 110 -0.22 33.13 -6.41
N ALA A 111 -0.59 34.07 -5.54
CA ALA A 111 -1.44 33.76 -4.38
C ALA A 111 -2.81 33.22 -4.76
N ALA A 112 -3.38 33.80 -5.83
CA ALA A 112 -4.70 33.40 -6.30
C ALA A 112 -4.78 31.90 -6.61
N ALA A 113 -3.81 31.41 -7.36
CA ALA A 113 -3.76 30.01 -7.75
C ALA A 113 -3.49 29.05 -6.58
N LEU A 114 -2.54 29.40 -5.73
CA LEU A 114 -2.20 28.56 -4.57
C LEU A 114 -3.38 28.42 -3.60
N GLU A 115 -4.13 29.51 -3.42
CA GLU A 115 -5.30 29.51 -2.54
C GLU A 115 -6.40 28.61 -3.05
N ALA A 116 -6.55 28.54 -4.37
CA ALA A 116 -7.59 27.73 -4.99
C ALA A 116 -7.23 26.25 -4.90
N ALA A 117 -5.94 25.93 -4.92
CA ALA A 117 -5.48 24.54 -4.85
C ALA A 117 -5.71 23.98 -3.45
N GLN A 118 -5.33 24.75 -2.43
CA GLN A 118 -5.51 24.34 -1.04
C GLN A 118 -6.99 24.25 -0.69
N ASP A 119 -7.79 25.16 -1.23
CA ASP A 119 -9.22 25.15 -0.99
C ASP A 119 -9.84 23.88 -1.59
N LEU A 120 -9.37 23.50 -2.79
CA LEU A 120 -9.87 22.32 -3.46
C LEU A 120 -9.57 21.06 -2.65
N ILE A 121 -8.31 20.93 -2.20
CA ILE A 121 -7.90 19.76 -1.41
C ILE A 121 -8.70 19.65 -0.11
N GLN A 122 -8.91 20.78 0.56
CA GLN A 122 -9.67 20.79 1.80
C GLN A 122 -11.12 20.40 1.52
N CYS A 123 -11.66 20.87 0.39
CA CYS A 123 -13.03 20.55 -0.01
C CYS A 123 -13.11 19.08 -0.41
N ALA A 124 -11.97 18.52 -0.83
CA ALA A 124 -11.89 17.13 -1.24
C ALA A 124 -11.98 16.17 -0.05
N MET A 125 -11.25 16.48 1.01
CA MET A 125 -11.24 15.66 2.22
C MET A 125 -12.58 15.73 2.95
N VAL A 126 -13.10 16.93 3.09
CA VAL A 126 -14.37 17.18 3.78
C VAL A 126 -15.55 16.42 3.15
N LYS A 127 -15.53 16.28 1.83
CA LYS A 127 -16.61 15.59 1.13
C LYS A 127 -16.31 14.09 0.93
N GLY A 128 -15.27 13.61 1.57
CA GLY A 128 -14.91 12.21 1.46
C GLY A 128 -14.23 11.80 0.17
N TYR A 129 -13.86 12.77 -0.66
CA TYR A 129 -13.19 12.47 -1.93
C TYR A 129 -11.78 11.91 -1.67
N LEU A 130 -11.19 12.31 -0.55
CA LEU A 130 -9.85 11.85 -0.14
C LEU A 130 -9.96 11.28 1.27
N THR A 131 -9.31 10.14 1.50
CA THR A 131 -9.32 9.50 2.81
C THR A 131 -8.91 10.50 3.88
N PRO A 132 -9.60 10.49 5.03
CA PRO A 132 -9.28 11.42 6.12
C PRO A 132 -7.81 11.40 6.56
N ASN A 133 -7.09 10.37 6.13
CA ASN A 133 -5.67 10.24 6.46
C ASN A 133 -4.87 10.05 5.17
N TYR A 134 -5.29 10.75 4.12
CA TYR A 134 -4.62 10.66 2.83
C TYR A 134 -3.17 11.12 2.97
N LEU A 135 -2.39 10.89 1.91
CA LEU A 135 -0.98 11.29 1.90
C LEU A 135 -0.67 12.28 0.79
N LEU A 136 -0.13 13.43 1.15
CA LEU A 136 0.23 14.44 0.16
C LEU A 136 1.64 14.11 -0.35
N VAL A 137 1.84 14.18 -1.66
CA VAL A 137 3.15 13.85 -2.24
C VAL A 137 3.42 14.61 -3.54
N GLY A 138 4.70 14.82 -3.80
CA GLY A 138 5.12 15.49 -5.03
C GLY A 138 5.30 14.42 -6.10
N HIS A 139 5.14 14.80 -7.36
CA HIS A 139 5.28 13.85 -8.46
C HIS A 139 6.62 13.11 -8.41
N SER A 140 7.68 13.84 -8.05
CA SER A 140 9.04 13.28 -7.99
C SER A 140 9.20 12.15 -6.98
N ASP A 141 8.35 12.16 -5.95
CA ASP A 141 8.43 11.14 -4.91
C ASP A 141 8.05 9.74 -5.40
N VAL A 142 7.11 9.68 -6.34
CA VAL A 142 6.63 8.40 -6.86
C VAL A 142 6.74 8.21 -8.37
N ALA A 143 7.70 8.89 -9.01
CA ALA A 143 7.85 8.77 -10.45
C ALA A 143 9.22 9.21 -10.96
N ARG A 144 9.50 8.85 -12.20
CA ARG A 144 10.75 9.21 -12.87
C ARG A 144 10.57 10.58 -13.52
N THR A 145 10.61 11.63 -12.70
CA THR A 145 10.43 12.99 -13.20
C THR A 145 10.88 14.06 -12.19
N LEU A 146 11.01 15.30 -12.66
CA LEU A 146 11.43 16.41 -11.82
C LEU A 146 10.23 17.26 -11.40
N SER A 147 9.06 16.92 -11.91
CA SER A 147 7.81 17.63 -11.59
C SER A 147 7.49 17.48 -10.10
N PRO A 148 6.78 18.47 -9.50
CA PRO A 148 6.24 19.70 -10.09
C PRO A 148 7.15 20.91 -9.92
N GLY A 149 8.47 20.71 -10.00
CA GLY A 149 9.38 21.82 -9.86
C GLY A 149 9.79 22.02 -8.41
N GLN A 150 11.07 22.38 -8.21
CA GLN A 150 11.60 22.59 -6.86
C GLN A 150 10.84 23.68 -6.09
N ALA A 151 10.66 24.84 -6.72
CA ALA A 151 9.96 25.96 -6.09
C ALA A 151 8.63 25.53 -5.49
N LEU A 152 7.82 24.84 -6.29
CA LEU A 152 6.51 24.40 -5.86
C LEU A 152 6.61 23.25 -4.86
N TYR A 153 7.63 22.41 -5.03
CA TYR A 153 7.83 21.27 -4.14
C TYR A 153 8.12 21.73 -2.71
N ASN A 154 8.85 22.83 -2.57
CA ASN A 154 9.19 23.37 -1.25
C ASN A 154 7.94 23.90 -0.53
N ILE A 155 7.11 24.65 -1.25
CA ILE A 155 5.90 25.22 -0.66
C ILE A 155 4.95 24.14 -0.15
N ILE A 156 4.64 23.17 -1.00
CA ILE A 156 3.74 22.08 -0.62
C ILE A 156 4.29 21.19 0.48
N SER A 157 5.59 21.28 0.71
CA SER A 157 6.24 20.48 1.75
C SER A 157 5.83 20.88 3.16
N THR A 158 5.23 22.08 3.29
CA THR A 158 4.78 22.55 4.59
C THR A 158 3.28 22.26 4.73
N TRP A 159 2.64 22.03 3.59
CA TRP A 159 1.21 21.73 3.56
C TRP A 159 0.89 20.47 4.36
N PRO A 160 -0.29 20.43 5.00
CA PRO A 160 -0.76 19.30 5.81
C PRO A 160 -0.74 17.95 5.10
N HIS A 161 -0.74 16.89 5.90
CA HIS A 161 -0.74 15.52 5.42
C HIS A 161 0.39 15.15 4.45
N PHE A 162 1.47 15.91 4.45
CA PHE A 162 2.59 15.60 3.57
C PHE A 162 3.36 14.39 4.08
N LYS A 163 3.83 13.55 3.16
CA LYS A 163 4.58 12.36 3.54
C LYS A 163 6.08 12.60 3.41
N HIS A 164 6.75 12.70 4.56
CA HIS A 164 8.20 12.91 4.65
C HIS A 164 8.56 13.87 5.78
N CYS B 1 1.71 -11.76 28.85
CA CYS B 1 1.12 -12.95 29.52
C CYS B 1 1.39 -14.17 28.64
N PRO B 2 1.38 -15.37 29.25
CA PRO B 2 1.62 -16.64 28.54
C PRO B 2 0.52 -17.05 27.56
N GLY B 3 0.88 -17.87 26.59
CA GLY B 3 -0.08 -18.36 25.61
C GLY B 3 -0.50 -17.45 24.48
N ILE B 4 0.33 -16.48 24.12
CA ILE B 4 0.02 -15.57 23.01
C ILE B 4 1.06 -15.64 21.90
N VAL B 5 0.62 -15.90 20.67
CA VAL B 5 1.54 -15.94 19.53
C VAL B 5 1.64 -14.49 19.02
N PRO B 6 2.86 -13.91 19.07
CA PRO B 6 3.15 -12.54 18.65
C PRO B 6 3.06 -12.22 17.16
N ARG B 7 2.87 -10.93 16.87
CA ARG B 7 2.74 -10.40 15.51
C ARG B 7 3.80 -10.88 14.52
N SER B 8 5.00 -11.23 15.00
CA SER B 8 6.05 -11.67 14.10
C SER B 8 5.92 -13.14 13.70
N VAL B 9 5.23 -13.93 14.51
CA VAL B 9 5.06 -15.34 14.15
C VAL B 9 3.98 -15.54 13.09
N TRP B 10 2.94 -14.72 13.10
CA TRP B 10 1.91 -14.88 12.09
C TRP B 10 2.09 -13.95 10.88
N GLY B 11 3.12 -13.11 10.91
CA GLY B 11 3.41 -12.22 9.79
C GLY B 11 2.52 -10.99 9.60
N ALA B 12 2.47 -10.13 10.62
CA ALA B 12 1.66 -8.92 10.56
C ALA B 12 2.35 -7.84 9.74
N ARG B 13 1.59 -7.04 9.01
CA ARG B 13 2.17 -5.95 8.21
C ARG B 13 2.57 -4.89 9.25
N GLU B 14 3.53 -4.04 8.89
CA GLU B 14 4.03 -2.99 9.80
C GLU B 14 3.20 -1.70 9.78
N THR B 15 2.93 -1.12 10.96
CA THR B 15 2.18 0.13 11.08
C THR B 15 2.65 0.95 12.28
N HIS B 16 2.09 2.15 12.44
CA HIS B 16 2.43 3.05 13.55
C HIS B 16 1.17 3.83 13.96
N CYS B 17 0.49 3.37 15.00
CA CYS B 17 -0.74 4.02 15.45
C CYS B 17 -0.74 4.55 16.90
N PRO B 18 -1.68 5.46 17.23
CA PRO B 18 -1.82 6.07 18.55
C PRO B 18 -1.65 5.11 19.72
N ARG B 19 -0.86 5.52 20.72
CA ARG B 19 -0.55 4.71 21.90
C ARG B 19 -1.69 4.68 22.92
N MET B 20 -1.71 3.64 23.74
CA MET B 20 -2.74 3.48 24.77
C MET B 20 -2.16 3.65 26.17
N THR B 21 -2.87 4.39 27.02
CA THR B 21 -2.45 4.64 28.39
C THR B 21 -3.12 3.65 29.35
N LEU B 22 -2.30 2.92 30.10
CA LEU B 22 -2.81 1.94 31.05
C LEU B 22 -2.91 2.49 32.49
N PRO B 23 -3.77 1.89 33.32
CA PRO B 23 -4.63 0.76 32.96
C PRO B 23 -5.94 1.21 32.30
N ALA B 24 -6.56 0.31 31.53
CA ALA B 24 -7.81 0.62 30.86
C ALA B 24 -8.99 0.31 31.77
N LYS B 25 -9.94 1.21 31.83
CA LYS B 25 -11.11 1.02 32.68
C LYS B 25 -12.17 0.08 32.14
N TYR B 26 -12.11 -0.24 30.84
CA TYR B 26 -13.13 -1.12 30.23
C TYR B 26 -12.58 -2.36 29.51
N GLY B 27 -13.45 -3.37 29.39
CA GLY B 27 -13.09 -4.59 28.69
C GLY B 27 -14.19 -4.86 27.67
N ILE B 28 -13.82 -5.04 26.40
CA ILE B 28 -14.83 -5.25 25.38
C ILE B 28 -14.73 -6.55 24.54
N ILE B 29 -15.77 -7.37 24.63
CA ILE B 29 -15.86 -8.63 23.89
C ILE B 29 -16.52 -8.39 22.54
N ILE B 30 -15.84 -8.77 21.47
CA ILE B 30 -16.34 -8.56 20.11
C ILE B 30 -16.18 -9.82 19.25
N HIS B 31 -16.97 -9.92 18.17
CA HIS B 31 -16.83 -11.07 17.28
C HIS B 31 -16.66 -10.53 15.87
N THR B 32 -15.93 -11.24 15.01
CA THR B 32 -15.72 -10.74 13.65
C THR B 32 -16.93 -10.88 12.73
N ALA B 33 -17.72 -11.94 12.94
CA ALA B 33 -18.88 -12.21 12.11
C ALA B 33 -18.43 -12.74 10.75
N GLY B 34 -17.30 -13.43 10.74
CA GLY B 34 -16.78 -13.98 9.49
C GLY B 34 -16.52 -15.46 9.65
N ARG B 35 -15.55 -16.00 8.92
CA ARG B 35 -15.24 -17.43 9.03
C ARG B 35 -14.33 -17.64 10.23
N THR B 36 -14.20 -18.90 10.67
CA THR B 36 -13.36 -19.25 11.83
C THR B 36 -12.16 -20.12 11.45
N CYS B 37 -11.35 -20.51 12.44
CA CYS B 37 -10.15 -21.34 12.21
C CYS B 37 -9.95 -22.37 13.32
N ASN B 38 -9.54 -23.59 12.96
CA ASN B 38 -9.31 -24.64 13.96
C ASN B 38 -7.87 -25.16 14.11
N ILE B 39 -7.05 -25.08 13.06
CA ILE B 39 -5.65 -25.51 13.18
C ILE B 39 -4.75 -24.28 13.10
N SER B 40 -3.60 -24.34 13.79
CA SER B 40 -2.63 -23.24 13.86
C SER B 40 -2.22 -22.55 12.56
N ASP B 41 -1.61 -23.29 11.64
CA ASP B 41 -1.15 -22.71 10.39
C ASP B 41 -2.30 -22.04 9.64
N GLU B 42 -3.53 -22.48 9.93
CA GLU B 42 -4.73 -21.92 9.30
C GLU B 42 -5.17 -20.61 9.95
N CYS B 43 -5.02 -20.51 11.28
CA CYS B 43 -5.41 -19.29 12.01
C CYS B 43 -4.50 -18.10 11.71
N ARG B 44 -3.20 -18.38 11.54
CA ARG B 44 -2.22 -17.34 11.26
C ARG B 44 -2.57 -16.63 9.96
N LEU B 45 -3.20 -17.37 9.06
CA LEU B 45 -3.59 -16.82 7.76
C LEU B 45 -4.86 -16.00 7.91
N LEU B 46 -5.72 -16.43 8.82
CA LEU B 46 -6.98 -15.74 9.07
C LEU B 46 -6.68 -14.36 9.67
N VAL B 47 -5.69 -14.31 10.55
CA VAL B 47 -5.31 -13.07 11.21
C VAL B 47 -4.69 -12.12 10.20
N ARG B 48 -4.05 -12.69 9.18
CA ARG B 48 -3.43 -11.87 8.14
C ARG B 48 -4.52 -11.19 7.30
N ASP B 49 -5.54 -11.94 6.90
CA ASP B 49 -6.63 -11.40 6.07
C ASP B 49 -7.42 -10.26 6.75
N ILE B 50 -7.62 -10.36 8.06
CA ILE B 50 -8.38 -9.36 8.81
C ILE B 50 -7.69 -8.00 8.91
N GLN B 51 -6.40 -8.01 9.23
CA GLN B 51 -5.64 -6.77 9.35
C GLN B 51 -5.67 -6.02 8.02
N SER B 52 -5.51 -6.77 6.93
CA SER B 52 -5.50 -6.20 5.57
C SER B 52 -6.86 -5.60 5.20
N PHE B 53 -7.93 -6.11 5.79
CA PHE B 53 -9.28 -5.61 5.52
C PHE B 53 -9.44 -4.26 6.21
N TYR B 54 -8.89 -4.16 7.41
CA TYR B 54 -8.97 -2.95 8.19
C TYR B 54 -8.14 -1.83 7.61
N ILE B 55 -6.99 -2.19 7.05
CA ILE B 55 -6.09 -1.22 6.46
C ILE B 55 -6.49 -0.82 5.04
N ASP B 56 -6.72 -1.82 4.17
CA ASP B 56 -7.09 -1.58 2.77
C ASP B 56 -8.52 -1.12 2.45
N ARG B 57 -9.52 -1.74 3.07
CA ARG B 57 -10.91 -1.40 2.80
C ARG B 57 -11.54 -0.32 3.71
N LEU B 58 -11.37 -0.48 5.01
CA LEU B 58 -11.94 0.45 5.98
C LEU B 58 -11.10 1.72 6.19
N LYS B 59 -9.90 1.75 5.63
CA LYS B 59 -8.98 2.89 5.74
C LYS B 59 -8.61 3.24 7.18
N SER B 60 -8.53 2.22 8.04
CA SER B 60 -8.16 2.39 9.44
C SER B 60 -6.63 2.28 9.55
N CYS B 61 -6.06 2.75 10.66
CA CYS B 61 -4.59 2.68 10.84
C CYS B 61 -4.05 1.26 11.02
N ASP B 62 -4.85 0.40 11.66
CA ASP B 62 -4.41 -0.99 11.88
C ASP B 62 -5.63 -1.82 12.22
N ILE B 63 -5.39 -3.09 12.53
CA ILE B 63 -6.48 -3.97 12.91
C ILE B 63 -7.13 -3.29 14.12
N GLY B 64 -8.46 -3.25 14.14
CA GLY B 64 -9.16 -2.59 15.23
C GLY B 64 -9.37 -3.36 16.53
N TYR B 65 -8.55 -4.37 16.77
CA TYR B 65 -8.68 -5.18 17.99
C TYR B 65 -7.35 -5.34 18.73
N ASN B 66 -7.41 -5.26 20.05
CA ASN B 66 -6.21 -5.40 20.89
C ASN B 66 -5.70 -6.85 20.86
N PHE B 67 -6.64 -7.80 20.92
CA PHE B 67 -6.34 -9.23 20.89
C PHE B 67 -7.47 -10.03 20.22
N LEU B 68 -7.12 -11.18 19.65
CA LEU B 68 -8.09 -12.06 18.99
C LEU B 68 -8.00 -13.48 19.53
N VAL B 69 -9.07 -14.26 19.35
CA VAL B 69 -9.15 -15.63 19.85
C VAL B 69 -9.41 -16.67 18.76
N GLY B 70 -8.54 -17.67 18.68
CA GLY B 70 -8.70 -18.73 17.68
C GLY B 70 -9.27 -20.01 18.27
N GLN B 71 -10.08 -20.73 17.49
CA GLN B 71 -10.69 -21.97 17.98
C GLN B 71 -9.63 -23.01 18.23
N ASP B 72 -8.39 -22.61 18.00
CA ASP B 72 -7.28 -23.46 18.33
C ASP B 72 -7.07 -22.79 19.69
N GLY B 73 -6.84 -23.56 20.73
CA GLY B 73 -6.69 -22.95 22.04
C GLY B 73 -5.67 -21.83 22.22
N ALA B 74 -5.34 -21.08 21.16
CA ALA B 74 -4.36 -20.01 21.27
C ALA B 74 -4.87 -18.58 21.10
N ILE B 75 -4.12 -17.63 21.68
CA ILE B 75 -4.45 -16.21 21.61
C ILE B 75 -3.49 -15.51 20.66
N TYR B 76 -4.03 -14.69 19.77
CA TYR B 76 -3.20 -13.97 18.80
C TYR B 76 -3.27 -12.44 18.98
N GLU B 77 -2.09 -11.84 19.11
CA GLU B 77 -1.94 -10.40 19.31
C GLU B 77 -2.42 -9.58 18.11
N GLY B 78 -3.24 -8.55 18.39
CA GLY B 78 -3.74 -7.67 17.35
C GLY B 78 -2.86 -6.43 17.35
N VAL B 79 -3.26 -5.42 18.13
CA VAL B 79 -2.45 -4.21 18.26
C VAL B 79 -1.68 -4.25 19.57
N GLY B 80 -1.99 -5.22 20.43
CA GLY B 80 -1.30 -5.36 21.70
C GLY B 80 -1.88 -4.59 22.87
N TRP B 81 -1.13 -4.50 23.97
CA TRP B 81 -1.58 -3.79 25.16
C TRP B 81 -1.32 -2.29 25.08
N ASN B 82 -0.26 -1.92 24.39
CA ASN B 82 0.14 -0.50 24.29
C ASN B 82 -0.36 0.37 23.13
N VAL B 83 -1.35 -0.10 22.38
CA VAL B 83 -1.90 0.70 21.27
C VAL B 83 -3.43 0.71 21.31
N GLN B 84 -4.03 1.86 21.03
CA GLN B 84 -5.50 1.97 21.04
C GLN B 84 -6.11 1.20 19.88
N GLY B 85 -7.36 0.81 20.03
CA GLY B 85 -8.05 0.09 18.97
C GLY B 85 -9.01 1.05 18.29
N SER B 86 -9.92 0.52 17.48
CA SER B 86 -10.89 1.36 16.78
C SER B 86 -12.15 0.56 16.43
N SER B 87 -13.01 0.37 17.42
CA SER B 87 -14.24 -0.36 17.19
C SER B 87 -15.40 0.25 17.99
N THR B 88 -15.07 1.13 18.93
CA THR B 88 -16.08 1.76 19.77
C THR B 88 -15.85 3.26 19.96
N PRO B 89 -16.52 4.10 19.14
CA PRO B 89 -16.41 5.56 19.19
C PRO B 89 -16.71 6.20 20.54
N GLY B 90 -15.65 6.58 21.24
CA GLY B 90 -15.81 7.23 22.53
C GLY B 90 -15.33 6.42 23.73
N TYR B 91 -14.92 5.17 23.48
CA TYR B 91 -14.43 4.31 24.53
C TYR B 91 -13.07 3.73 24.18
N ASP B 92 -12.69 3.92 22.93
CA ASP B 92 -11.42 3.45 22.40
C ASP B 92 -10.17 3.77 23.23
N ASP B 93 -10.06 5.01 23.70
CA ASP B 93 -8.89 5.42 24.46
C ASP B 93 -8.87 4.99 25.94
N ILE B 94 -9.90 4.29 26.36
CA ILE B 94 -9.98 3.82 27.75
C ILE B 94 -10.47 2.37 27.85
N ALA B 95 -10.27 1.60 26.79
CA ALA B 95 -10.74 0.21 26.78
C ALA B 95 -9.82 -0.75 26.03
N LEU B 96 -10.03 -2.05 26.24
CA LEU B 96 -9.25 -3.11 25.60
C LEU B 96 -10.16 -4.09 24.85
N GLY B 97 -10.03 -4.12 23.52
CA GLY B 97 -10.86 -4.99 22.70
C GLY B 97 -10.39 -6.42 22.45
N ILE B 98 -11.22 -7.38 22.85
CA ILE B 98 -10.94 -8.82 22.69
C ILE B 98 -12.04 -9.44 21.82
N THR B 99 -11.68 -9.94 20.64
CA THR B 99 -12.67 -10.55 19.76
C THR B 99 -12.34 -11.95 19.27
N PHE B 100 -13.36 -12.81 19.25
CA PHE B 100 -13.18 -14.20 18.79
C PHE B 100 -13.41 -14.23 17.28
N MET B 101 -12.52 -14.91 16.57
CA MET B 101 -12.62 -15.01 15.11
C MET B 101 -13.71 -15.99 14.69
N GLY B 102 -14.79 -15.45 14.13
CA GLY B 102 -15.90 -16.28 13.68
C GLY B 102 -17.27 -15.64 13.87
N THR B 103 -18.31 -16.39 13.53
CA THR B 103 -19.67 -15.89 13.68
C THR B 103 -20.34 -16.70 14.79
N PHE B 104 -20.54 -16.05 15.95
CA PHE B 104 -21.14 -16.70 17.10
C PHE B 104 -22.49 -16.10 17.51
N THR B 105 -23.38 -15.94 16.54
CA THR B 105 -24.71 -15.40 16.80
C THR B 105 -25.60 -16.56 17.27
N GLY B 106 -25.36 -17.73 16.71
CA GLY B 106 -26.15 -18.90 17.07
C GLY B 106 -25.33 -19.93 17.83
N ILE B 107 -24.08 -20.12 17.41
CA ILE B 107 -23.17 -21.08 18.04
C ILE B 107 -22.01 -20.39 18.74
N PRO B 108 -21.70 -20.80 19.98
CA PRO B 108 -20.61 -20.22 20.76
C PRO B 108 -19.26 -20.90 20.50
N PRO B 109 -18.14 -20.27 20.91
CA PRO B 109 -16.80 -20.82 20.72
C PRO B 109 -16.60 -22.10 21.52
N ASN B 110 -15.61 -22.92 21.13
CA ASN B 110 -15.37 -24.15 21.85
C ASN B 110 -14.81 -23.86 23.25
N ALA B 111 -14.67 -24.90 24.06
CA ALA B 111 -14.17 -24.75 25.42
C ALA B 111 -12.79 -24.13 25.49
N ALA B 112 -11.88 -24.63 24.66
CA ALA B 112 -10.50 -24.15 24.62
C ALA B 112 -10.34 -22.66 24.34
N ALA B 113 -11.31 -22.07 23.63
CA ALA B 113 -11.27 -20.64 23.29
C ALA B 113 -11.73 -19.74 24.43
N LEU B 114 -12.84 -20.10 25.05
CA LEU B 114 -13.39 -19.34 26.17
C LEU B 114 -12.39 -19.34 27.32
N GLU B 115 -11.71 -20.47 27.52
CA GLU B 115 -10.72 -20.58 28.57
C GLU B 115 -9.56 -19.63 28.29
N ALA B 116 -9.14 -19.60 27.03
CA ALA B 116 -8.06 -18.73 26.60
C ALA B 116 -8.37 -17.27 26.91
N ALA B 117 -9.62 -16.86 26.70
CA ALA B 117 -10.06 -15.49 26.93
C ALA B 117 -10.08 -15.06 28.40
N GLN B 118 -10.65 -15.89 29.27
CA GLN B 118 -10.72 -15.59 30.70
C GLN B 118 -9.33 -15.52 31.34
N ASP B 119 -8.43 -16.41 30.93
CA ASP B 119 -7.07 -16.43 31.47
C ASP B 119 -6.33 -15.16 31.10
N LEU B 120 -6.68 -14.59 29.96
CA LEU B 120 -6.06 -13.36 29.46
C LEU B 120 -6.54 -12.16 30.27
N ILE B 121 -7.83 -12.13 30.55
CA ILE B 121 -8.43 -11.04 31.30
C ILE B 121 -7.92 -11.02 32.75
N GLN B 122 -7.79 -12.20 33.34
CA GLN B 122 -7.32 -12.31 34.72
C GLN B 122 -5.85 -11.90 34.82
N CYS B 123 -5.06 -12.26 33.81
CA CYS B 123 -3.64 -11.91 33.80
C CYS B 123 -3.46 -10.42 33.60
N ALA B 124 -4.47 -9.77 33.02
CA ALA B 124 -4.43 -8.35 32.74
C ALA B 124 -4.48 -7.49 34.00
N MET B 125 -5.44 -7.75 34.87
CA MET B 125 -5.58 -6.97 36.10
C MET B 125 -4.55 -7.35 37.15
N VAL B 126 -4.10 -8.59 37.15
CA VAL B 126 -3.10 -9.03 38.10
C VAL B 126 -1.80 -8.27 37.87
N LYS B 127 -1.64 -7.77 36.65
CA LYS B 127 -0.44 -7.01 36.29
C LYS B 127 -0.71 -5.52 36.09
N GLY B 128 -1.91 -5.07 36.45
CA GLY B 128 -2.24 -3.67 36.32
C GLY B 128 -2.60 -3.14 34.94
N TYR B 129 -2.79 -4.05 33.99
CA TYR B 129 -3.15 -3.66 32.62
C TYR B 129 -4.60 -3.22 32.59
N LEU B 130 -5.35 -3.65 33.61
CA LEU B 130 -6.76 -3.29 33.74
C LEU B 130 -7.01 -2.79 35.16
N THR B 131 -7.60 -1.61 35.28
CA THR B 131 -7.87 -1.01 36.59
C THR B 131 -8.39 -2.07 37.58
N PRO B 132 -8.11 -1.89 38.87
CA PRO B 132 -8.56 -2.85 39.88
C PRO B 132 -10.07 -3.02 39.90
N ASN B 133 -10.80 -1.99 39.44
CA ASN B 133 -12.27 -2.05 39.42
C ASN B 133 -12.83 -1.79 38.03
N TYR B 134 -12.16 -2.33 37.01
CA TYR B 134 -12.58 -2.15 35.62
C TYR B 134 -14.01 -2.60 35.37
N LEU B 135 -14.51 -2.33 34.17
CA LEU B 135 -15.87 -2.69 33.79
C LEU B 135 -15.93 -3.50 32.49
N LEU B 136 -16.31 -4.77 32.60
CA LEU B 136 -16.43 -5.65 31.44
C LEU B 136 -17.76 -5.34 30.77
N VAL B 137 -17.75 -5.23 29.44
CA VAL B 137 -18.97 -4.92 28.70
C VAL B 137 -19.10 -5.60 27.33
N GLY B 138 -20.33 -5.66 26.83
CA GLY B 138 -20.58 -6.27 25.54
C GLY B 138 -20.45 -5.20 24.47
N HIS B 139 -19.96 -5.58 23.30
CA HIS B 139 -19.77 -4.61 22.22
C HIS B 139 -21.05 -3.82 21.95
N SER B 140 -22.19 -4.51 22.03
CA SER B 140 -23.50 -3.91 21.78
C SER B 140 -23.98 -2.88 22.80
N ASP B 141 -23.34 -2.82 23.97
CA ASP B 141 -23.75 -1.88 25.01
C ASP B 141 -23.32 -0.43 24.77
N VAL B 142 -22.35 -0.24 23.89
CA VAL B 142 -21.85 1.11 23.63
C VAL B 142 -21.60 1.37 22.14
N ALA B 143 -22.40 0.75 21.27
CA ALA B 143 -22.21 0.91 19.83
C ALA B 143 -23.40 0.52 18.95
N ARG B 144 -23.39 1.02 17.71
CA ARG B 144 -24.43 0.74 16.74
C ARG B 144 -24.10 -0.58 16.03
N THR B 145 -24.24 -1.68 16.78
CA THR B 145 -23.95 -3.00 16.26
C THR B 145 -24.67 -4.09 17.05
N LEU B 146 -24.72 -5.29 16.48
CA LEU B 146 -25.36 -6.42 17.12
C LEU B 146 -24.29 -7.28 17.79
N SER B 147 -23.03 -7.01 17.45
CA SER B 147 -21.88 -7.73 17.99
C SER B 147 -21.90 -7.78 19.52
N PRO B 148 -21.29 -8.81 20.12
CA PRO B 148 -20.58 -9.94 19.49
C PRO B 148 -21.48 -11.17 19.32
N GLY B 149 -22.77 -10.94 19.07
CA GLY B 149 -23.70 -12.05 18.91
C GLY B 149 -24.39 -12.39 20.21
N GLN B 150 -25.65 -12.78 20.12
CA GLN B 150 -26.43 -13.12 21.31
C GLN B 150 -25.84 -14.30 22.10
N ALA B 151 -25.50 -15.38 21.40
CA ALA B 151 -24.95 -16.56 22.04
C ALA B 151 -23.73 -16.31 22.92
N LEU B 152 -22.74 -15.62 22.36
CA LEU B 152 -21.52 -15.30 23.09
C LEU B 152 -21.80 -14.21 24.13
N TYR B 153 -22.76 -13.35 23.85
CA TYR B 153 -23.13 -12.26 24.74
C TYR B 153 -23.66 -12.77 26.08
N ASN B 154 -24.47 -13.82 26.05
CA ASN B 154 -25.04 -14.38 27.26
C ASN B 154 -23.98 -15.10 28.11
N ILE B 155 -22.93 -15.60 27.45
CA ILE B 155 -21.85 -16.29 28.14
C ILE B 155 -21.08 -15.36 29.07
N ILE B 156 -20.57 -14.27 28.51
CA ILE B 156 -19.79 -13.28 29.24
C ILE B 156 -20.61 -12.50 30.28
N SER B 157 -21.92 -12.51 30.12
CA SER B 157 -22.80 -11.79 31.02
C SER B 157 -22.63 -12.24 32.48
N THR B 158 -22.10 -13.46 32.66
CA THR B 158 -21.91 -14.04 33.98
C THR B 158 -20.48 -13.84 34.52
N TRP B 159 -19.54 -13.59 33.61
CA TRP B 159 -18.16 -13.40 34.01
C TRP B 159 -18.03 -12.24 35.00
N PRO B 160 -16.88 -12.13 35.68
CA PRO B 160 -16.58 -11.10 36.68
C PRO B 160 -16.42 -9.68 36.12
N HIS B 161 -16.95 -8.72 36.88
CA HIS B 161 -16.86 -7.29 36.54
C HIS B 161 -17.72 -6.81 35.39
N PHE B 162 -18.73 -7.58 34.99
CA PHE B 162 -19.60 -7.17 33.88
C PHE B 162 -20.48 -6.01 34.33
N LYS B 163 -20.90 -5.17 33.39
CA LYS B 163 -21.74 -4.01 33.72
C LYS B 163 -23.21 -4.18 33.36
N HIS B 164 -24.02 -4.55 34.36
CA HIS B 164 -25.45 -4.74 34.22
C HIS B 164 -25.90 -5.81 35.23
N CYS C 1 15.44 4.80 -5.88
CA CYS C 1 15.10 5.01 -7.32
C CYS C 1 13.59 5.13 -7.51
N PRO C 2 13.14 6.03 -8.41
CA PRO C 2 11.72 6.27 -8.72
C PRO C 2 11.04 5.15 -9.52
N GLY C 3 9.72 5.17 -9.52
CA GLY C 3 8.96 4.17 -10.25
C GLY C 3 8.96 2.85 -9.51
N ILE C 4 8.98 2.93 -8.19
CA ILE C 4 9.00 1.75 -7.35
C ILE C 4 7.95 1.84 -6.25
N VAL C 5 6.96 0.95 -6.29
CA VAL C 5 5.92 0.94 -5.26
C VAL C 5 6.51 0.12 -4.10
N PRO C 6 6.58 0.72 -2.89
CA PRO C 6 7.11 0.09 -1.67
C PRO C 6 6.33 -1.08 -1.08
N ARG C 7 6.97 -1.82 -0.19
CA ARG C 7 6.34 -2.98 0.45
C ARG C 7 5.06 -2.58 1.18
N SER C 8 5.04 -1.41 1.81
CA SER C 8 3.84 -0.97 2.52
C SER C 8 2.64 -0.73 1.58
N VAL C 9 2.91 -0.29 0.34
CA VAL C 9 1.85 -0.03 -0.62
C VAL C 9 1.10 -1.28 -1.13
N TRP C 10 1.83 -2.35 -1.43
CA TRP C 10 1.20 -3.60 -1.88
C TRP C 10 0.95 -4.56 -0.71
N GLY C 11 1.21 -4.08 0.51
CA GLY C 11 0.98 -4.88 1.72
C GLY C 11 1.82 -6.12 2.01
N ALA C 12 3.13 -5.97 2.12
CA ALA C 12 4.03 -7.11 2.40
C ALA C 12 4.01 -7.57 3.85
N ARG C 13 4.30 -8.86 4.08
CA ARG C 13 4.35 -9.41 5.43
C ARG C 13 5.68 -9.00 6.06
N GLU C 14 5.73 -8.95 7.39
CA GLU C 14 6.95 -8.54 8.09
C GLU C 14 7.95 -9.67 8.28
N THR C 15 9.23 -9.35 8.06
CA THR C 15 10.31 -10.32 8.22
C THR C 15 11.60 -9.65 8.72
N HIS C 16 12.60 -10.46 9.07
CA HIS C 16 13.90 -9.94 9.54
C HIS C 16 15.02 -10.88 9.08
N CYS C 17 15.38 -10.76 7.81
CA CYS C 17 16.39 -11.62 7.18
C CYS C 17 17.79 -11.04 7.03
N PRO C 18 18.80 -11.92 6.86
CA PRO C 18 20.20 -11.53 6.70
C PRO C 18 20.34 -10.37 5.71
N ARG C 19 21.00 -9.30 6.15
CA ARG C 19 21.19 -8.12 5.32
C ARG C 19 22.29 -8.28 4.28
N MET C 20 22.25 -7.46 3.23
CA MET C 20 23.24 -7.55 2.18
C MET C 20 24.20 -6.36 2.14
N THR C 21 25.47 -6.66 1.87
CA THR C 21 26.51 -5.65 1.81
C THR C 21 26.68 -5.11 0.40
N LEU C 22 26.63 -3.80 0.26
CA LEU C 22 26.80 -3.19 -1.06
C LEU C 22 28.23 -2.72 -1.28
N PRO C 23 28.66 -2.61 -2.54
CA PRO C 23 27.90 -2.91 -3.76
C PRO C 23 27.89 -4.37 -4.18
N ALA C 24 26.97 -4.72 -5.09
CA ALA C 24 26.85 -6.08 -5.59
C ALA C 24 27.67 -6.21 -6.87
N LYS C 25 28.21 -7.40 -7.13
CA LYS C 25 29.03 -7.61 -8.32
C LYS C 25 28.25 -8.25 -9.48
N TYR C 26 27.21 -9.01 -9.16
CA TYR C 26 26.40 -9.67 -10.18
C TYR C 26 24.97 -9.11 -10.27
N GLY C 27 24.39 -9.26 -11.45
CA GLY C 27 23.02 -8.81 -11.71
C GLY C 27 22.35 -9.94 -12.46
N ILE C 28 21.39 -10.61 -11.82
CA ILE C 28 20.73 -11.75 -12.44
C ILE C 28 19.26 -11.56 -12.84
N ILE C 29 18.97 -11.82 -14.11
CA ILE C 29 17.63 -11.69 -14.66
C ILE C 29 16.87 -13.02 -14.55
N ILE C 30 15.68 -12.97 -13.96
CA ILE C 30 14.86 -14.16 -13.77
C ILE C 30 13.40 -13.94 -14.15
N HIS C 31 12.70 -15.04 -14.43
CA HIS C 31 11.28 -14.99 -14.73
C HIS C 31 10.65 -15.97 -13.74
N THR C 32 9.42 -15.71 -13.32
CA THR C 32 8.75 -16.56 -12.35
C THR C 32 8.22 -17.85 -12.94
N ALA C 33 8.03 -17.88 -14.25
CA ALA C 33 7.50 -19.06 -14.95
C ALA C 33 6.04 -19.30 -14.55
N GLY C 34 5.33 -18.22 -14.24
CA GLY C 34 3.93 -18.31 -13.84
C GLY C 34 3.03 -17.29 -14.55
N ARG C 35 1.92 -16.91 -13.92
CA ARG C 35 0.96 -15.95 -14.50
C ARG C 35 1.47 -14.50 -14.42
N THR C 36 0.89 -13.62 -15.23
CA THR C 36 1.29 -12.21 -15.28
C THR C 36 0.19 -11.21 -14.90
N CYS C 37 0.54 -9.93 -14.90
CA CYS C 37 -0.39 -8.84 -14.54
C CYS C 37 -0.21 -7.61 -15.44
N ASN C 38 -1.31 -6.97 -15.82
CA ASN C 38 -1.29 -5.78 -16.68
C ASN C 38 -1.86 -4.51 -16.04
N ILE C 39 -2.71 -4.64 -15.03
CA ILE C 39 -3.27 -3.46 -14.36
C ILE C 39 -2.79 -3.39 -12.91
N SER C 40 -2.43 -2.18 -12.48
CA SER C 40 -1.92 -1.91 -11.13
C SER C 40 -2.49 -2.75 -9.98
N ASP C 41 -3.74 -2.48 -9.60
CA ASP C 41 -4.37 -3.21 -8.51
C ASP C 41 -4.22 -4.73 -8.65
N GLU C 42 -4.07 -5.18 -9.89
CA GLU C 42 -3.91 -6.60 -10.18
C GLU C 42 -2.48 -7.07 -9.90
N CYS C 43 -1.51 -6.22 -10.15
CA CYS C 43 -0.12 -6.58 -9.89
C CYS C 43 0.19 -6.61 -8.39
N ARG C 44 -0.34 -5.63 -7.65
CA ARG C 44 -0.12 -5.56 -6.20
C ARG C 44 -0.45 -6.92 -5.57
N LEU C 45 -1.49 -7.56 -6.10
CA LEU C 45 -1.94 -8.87 -5.62
C LEU C 45 -1.03 -10.04 -6.03
N LEU C 46 -0.42 -9.95 -7.20
CA LEU C 46 0.47 -11.02 -7.68
C LEU C 46 1.75 -11.08 -6.85
N VAL C 47 2.17 -9.93 -6.30
CA VAL C 47 3.39 -9.88 -5.50
C VAL C 47 3.13 -10.46 -4.11
N ARG C 48 1.93 -10.27 -3.60
CA ARG C 48 1.57 -10.81 -2.30
C ARG C 48 1.60 -12.34 -2.38
N ASP C 49 1.06 -12.90 -3.46
CA ASP C 49 1.05 -14.37 -3.64
C ASP C 49 2.43 -15.02 -3.72
N ILE C 50 3.39 -14.35 -4.36
CA ILE C 50 4.73 -14.88 -4.52
C ILE C 50 5.53 -14.90 -3.19
N GLN C 51 5.40 -13.84 -2.40
CA GLN C 51 6.11 -13.74 -1.11
C GLN C 51 5.65 -14.88 -0.21
N SER C 52 4.34 -15.07 -0.16
CA SER C 52 3.72 -16.12 0.64
C SER C 52 4.17 -17.55 0.25
N PHE C 53 4.41 -17.79 -1.04
CA PHE C 53 4.85 -19.11 -1.50
C PHE C 53 6.25 -19.41 -0.96
N TYR C 54 7.12 -18.41 -1.01
CA TYR C 54 8.49 -18.57 -0.54
C TYR C 54 8.57 -18.81 0.97
N ILE C 55 7.84 -18.02 1.74
CA ILE C 55 7.82 -18.15 3.20
C ILE C 55 7.14 -19.43 3.67
N ASP C 56 5.91 -19.66 3.19
CA ASP C 56 5.11 -20.81 3.58
C ASP C 56 5.46 -22.17 2.94
N ARG C 57 5.62 -22.19 1.62
CA ARG C 57 5.92 -23.43 0.91
C ARG C 57 7.40 -23.78 0.80
N LEU C 58 8.24 -22.80 0.46
CA LEU C 58 9.67 -23.07 0.34
C LEU C 58 10.44 -23.03 1.65
N LYS C 59 9.85 -22.43 2.68
CA LYS C 59 10.50 -22.33 3.98
C LYS C 59 11.67 -21.35 3.95
N SER C 60 11.61 -20.38 3.04
CA SER C 60 12.67 -19.39 2.94
C SER C 60 12.34 -18.22 3.86
N CYS C 61 13.34 -17.43 4.22
CA CYS C 61 13.15 -16.28 5.11
C CYS C 61 12.22 -15.19 4.56
N ASP C 62 12.28 -14.94 3.26
CA ASP C 62 11.42 -13.92 2.62
C ASP C 62 11.43 -14.19 1.11
N ILE C 63 10.78 -13.33 0.35
CA ILE C 63 10.73 -13.46 -1.11
C ILE C 63 12.20 -13.52 -1.58
N GLY C 64 12.54 -14.51 -2.40
CA GLY C 64 13.91 -14.67 -2.87
C GLY C 64 14.42 -13.80 -3.99
N TYR C 65 13.74 -12.69 -4.27
CA TYR C 65 14.14 -11.77 -5.35
C TYR C 65 14.22 -10.33 -4.79
N ASN C 66 15.28 -9.60 -5.17
CA ASN C 66 15.44 -8.23 -4.70
C ASN C 66 14.39 -7.30 -5.29
N PHE C 67 14.08 -7.47 -6.57
CA PHE C 67 13.06 -6.65 -7.26
C PHE C 67 12.25 -7.43 -8.31
N LEU C 68 11.02 -6.99 -8.55
CA LEU C 68 10.13 -7.61 -9.53
C LEU C 68 9.57 -6.61 -10.55
N VAL C 69 9.13 -7.14 -11.69
CA VAL C 69 8.59 -6.30 -12.76
C VAL C 69 7.21 -6.72 -13.27
N GLY C 70 6.28 -5.76 -13.31
CA GLY C 70 4.94 -6.04 -13.80
C GLY C 70 4.79 -5.45 -15.20
N GLN C 71 3.85 -5.96 -15.98
CA GLN C 71 3.66 -5.46 -17.34
C GLN C 71 2.77 -4.23 -17.38
N ASP C 72 2.59 -3.61 -16.22
CA ASP C 72 1.80 -2.39 -16.14
C ASP C 72 2.79 -1.24 -16.23
N GLY C 73 4.06 -1.60 -16.44
CA GLY C 73 5.12 -0.62 -16.55
C GLY C 73 5.68 -0.11 -15.24
N ALA C 74 5.44 -0.84 -14.15
CA ALA C 74 5.93 -0.42 -12.84
C ALA C 74 6.80 -1.50 -12.18
N ILE C 75 7.70 -1.07 -11.31
CA ILE C 75 8.60 -1.96 -10.59
C ILE C 75 8.11 -2.20 -9.17
N TYR C 76 8.24 -3.43 -8.68
CA TYR C 76 7.81 -3.77 -7.32
C TYR C 76 8.93 -4.33 -6.44
N GLU C 77 9.05 -3.78 -5.24
CA GLU C 77 10.08 -4.18 -4.27
C GLU C 77 9.83 -5.54 -3.59
N GLY C 78 10.84 -6.42 -3.67
CA GLY C 78 10.76 -7.73 -3.06
C GLY C 78 11.37 -7.63 -1.67
N VAL C 79 12.67 -7.93 -1.57
CA VAL C 79 13.39 -7.82 -0.29
C VAL C 79 14.11 -6.48 -0.29
N GLY C 80 14.34 -5.93 -1.49
CA GLY C 80 14.98 -4.63 -1.58
C GLY C 80 16.48 -4.58 -1.89
N TRP C 81 17.05 -3.39 -1.72
CA TRP C 81 18.47 -3.17 -1.96
C TRP C 81 19.35 -3.65 -0.79
N ASN C 82 18.81 -3.60 0.42
CA ASN C 82 19.55 -3.96 1.62
C ASN C 82 19.41 -5.36 2.23
N VAL C 83 18.79 -6.29 1.50
CA VAL C 83 18.61 -7.65 2.02
C VAL C 83 18.92 -8.70 0.95
N GLN C 84 19.65 -9.76 1.34
CA GLN C 84 20.02 -10.82 0.40
C GLN C 84 18.82 -11.63 -0.10
N GLY C 85 18.92 -12.12 -1.33
CA GLY C 85 17.87 -12.94 -1.90
C GLY C 85 18.30 -14.40 -1.76
N SER C 86 17.50 -15.33 -2.29
CA SER C 86 17.83 -16.76 -2.21
C SER C 86 17.40 -17.51 -3.46
N SER C 87 18.16 -17.36 -4.55
CA SER C 87 17.84 -18.04 -5.80
C SER C 87 19.07 -18.65 -6.49
N THR C 88 20.26 -18.19 -6.14
CA THR C 88 21.49 -18.71 -6.75
C THR C 88 22.53 -19.10 -5.70
N PRO C 89 22.67 -20.41 -5.41
CA PRO C 89 23.62 -20.93 -4.44
C PRO C 89 25.08 -20.53 -4.71
N GLY C 90 25.61 -19.67 -3.84
CA GLY C 90 26.98 -19.22 -3.98
C GLY C 90 27.11 -17.84 -4.59
N TYR C 91 25.98 -17.23 -4.94
CA TYR C 91 26.01 -15.91 -5.54
C TYR C 91 25.07 -14.94 -4.81
N ASP C 92 24.16 -15.51 -4.02
CA ASP C 92 23.18 -14.73 -3.25
C ASP C 92 23.76 -13.56 -2.46
N ASP C 93 24.85 -13.80 -1.74
CA ASP C 93 25.45 -12.73 -0.94
C ASP C 93 26.25 -11.75 -1.77
N ILE C 94 26.41 -12.01 -3.06
CA ILE C 94 27.13 -11.09 -3.93
C ILE C 94 26.38 -10.72 -5.22
N ALA C 95 25.04 -10.73 -5.18
CA ALA C 95 24.22 -10.43 -6.36
C ALA C 95 22.84 -9.77 -6.12
N LEU C 96 22.23 -9.25 -7.17
CA LEU C 96 20.90 -8.60 -7.10
C LEU C 96 19.92 -9.25 -8.08
N GLY C 97 18.89 -9.92 -7.56
CA GLY C 97 17.93 -10.58 -8.42
C GLY C 97 16.74 -9.75 -8.89
N ILE C 98 16.56 -9.68 -10.22
CA ILE C 98 15.46 -8.95 -10.85
C ILE C 98 14.64 -9.91 -11.74
N THR C 99 13.47 -10.33 -11.28
CA THR C 99 12.65 -11.23 -12.08
C THR C 99 11.38 -10.59 -12.64
N PHE C 100 10.95 -11.07 -13.81
CA PHE C 100 9.74 -10.59 -14.45
C PHE C 100 8.60 -11.55 -14.13
N MET C 101 7.48 -10.99 -13.70
CA MET C 101 6.32 -11.80 -13.37
C MET C 101 5.66 -12.31 -14.66
N GLY C 102 5.78 -13.62 -14.90
CA GLY C 102 5.21 -14.22 -16.08
C GLY C 102 6.09 -15.32 -16.66
N THR C 103 5.64 -15.92 -17.76
CA THR C 103 6.42 -17.00 -18.42
C THR C 103 6.85 -16.51 -19.80
N PHE C 104 8.14 -16.22 -19.93
CA PHE C 104 8.68 -15.71 -21.18
C PHE C 104 9.67 -16.64 -21.89
N THR C 105 9.23 -17.85 -22.20
CA THR C 105 10.08 -18.80 -22.90
C THR C 105 9.97 -18.61 -24.42
N GLY C 106 8.74 -18.39 -24.88
CA GLY C 106 8.49 -18.18 -26.30
C GLY C 106 8.03 -16.76 -26.57
N ILE C 107 7.33 -16.15 -25.63
CA ILE C 107 6.84 -14.78 -25.78
C ILE C 107 7.57 -13.87 -24.79
N PRO C 108 8.12 -12.74 -25.26
CA PRO C 108 8.85 -11.79 -24.41
C PRO C 108 7.91 -10.74 -23.80
N PRO C 109 8.39 -9.97 -22.81
CA PRO C 109 7.62 -8.92 -22.14
C PRO C 109 7.42 -7.67 -23.00
N ASN C 110 6.34 -6.94 -22.74
CA ASN C 110 6.04 -5.73 -23.50
C ASN C 110 7.11 -4.66 -23.35
N ALA C 111 6.93 -3.55 -24.06
CA ALA C 111 7.86 -2.43 -24.02
C ALA C 111 7.90 -1.75 -22.67
N ALA C 112 6.73 -1.42 -22.14
CA ALA C 112 6.62 -0.76 -20.85
C ALA C 112 7.48 -1.46 -19.81
N ALA C 113 7.32 -2.77 -19.73
CA ALA C 113 8.06 -3.60 -18.79
C ALA C 113 9.56 -3.57 -19.01
N LEU C 114 9.98 -3.92 -20.23
CA LEU C 114 11.40 -3.97 -20.57
C LEU C 114 12.12 -2.66 -20.26
N GLU C 115 11.44 -1.55 -20.47
CA GLU C 115 12.04 -0.24 -20.22
C GLU C 115 12.26 -0.01 -18.73
N ALA C 116 11.30 -0.45 -17.92
CA ALA C 116 11.39 -0.28 -16.48
C ALA C 116 12.58 -1.04 -15.89
N ALA C 117 12.85 -2.23 -16.40
CA ALA C 117 13.95 -3.04 -15.89
C ALA C 117 15.30 -2.38 -16.17
N GLN C 118 15.50 -1.93 -17.40
CA GLN C 118 16.74 -1.28 -17.78
C GLN C 118 16.90 0.04 -17.00
N ASP C 119 15.80 0.74 -16.80
CA ASP C 119 15.83 2.01 -16.06
C ASP C 119 16.30 1.76 -14.63
N LEU C 120 15.83 0.65 -14.05
CA LEU C 120 16.19 0.28 -12.68
C LEU C 120 17.68 -0.03 -12.53
N ILE C 121 18.17 -0.93 -13.38
CA ILE C 121 19.58 -1.31 -13.37
C ILE C 121 20.49 -0.09 -13.52
N GLN C 122 20.11 0.80 -14.43
CA GLN C 122 20.86 2.02 -14.68
C GLN C 122 20.94 2.90 -13.43
N CYS C 123 19.87 2.89 -12.64
CA CYS C 123 19.83 3.70 -11.42
C CYS C 123 20.68 3.05 -10.33
N ALA C 124 20.79 1.72 -10.39
CA ALA C 124 21.56 0.97 -9.39
C ALA C 124 23.06 1.27 -9.40
N MET C 125 23.69 1.19 -10.57
CA MET C 125 25.12 1.45 -10.65
C MET C 125 25.41 2.93 -10.46
N VAL C 126 24.51 3.78 -10.94
CA VAL C 126 24.68 5.22 -10.82
C VAL C 126 24.72 5.62 -9.35
N LYS C 127 24.16 4.79 -8.48
CA LYS C 127 24.15 5.09 -7.05
C LYS C 127 25.03 4.15 -6.22
N GLY C 128 25.89 3.40 -6.90
CA GLY C 128 26.78 2.49 -6.20
C GLY C 128 26.19 1.19 -5.68
N TYR C 129 24.94 0.91 -6.06
CA TYR C 129 24.26 -0.30 -5.63
C TYR C 129 24.86 -1.52 -6.33
N LEU C 130 25.54 -1.26 -7.46
CA LEU C 130 26.19 -2.30 -8.26
C LEU C 130 27.60 -1.81 -8.59
N THR C 131 28.59 -2.68 -8.43
CA THR C 131 29.97 -2.31 -8.71
C THR C 131 30.06 -1.73 -10.11
N PRO C 132 30.98 -0.77 -10.34
CA PRO C 132 31.12 -0.17 -11.67
C PRO C 132 31.44 -1.19 -12.76
N ASN C 133 31.95 -2.35 -12.35
CA ASN C 133 32.28 -3.40 -13.31
C ASN C 133 31.42 -4.63 -13.07
N TYR C 134 30.19 -4.41 -12.63
CA TYR C 134 29.27 -5.51 -12.35
C TYR C 134 29.12 -6.38 -13.59
N LEU C 135 28.61 -7.59 -13.39
CA LEU C 135 28.42 -8.54 -14.48
C LEU C 135 26.97 -8.98 -14.63
N LEU C 136 26.43 -8.84 -15.83
CA LEU C 136 25.06 -9.25 -16.11
C LEU C 136 25.07 -10.71 -16.59
N VAL C 137 24.21 -11.53 -16.01
CA VAL C 137 24.16 -12.93 -16.39
C VAL C 137 22.73 -13.48 -16.34
N GLY C 138 22.46 -14.50 -17.13
CA GLY C 138 21.14 -15.11 -17.12
C GLY C 138 21.12 -16.07 -15.96
N HIS C 139 19.94 -16.43 -15.46
CA HIS C 139 19.85 -17.34 -14.32
C HIS C 139 20.40 -18.73 -14.71
N SER C 140 20.23 -19.09 -15.97
CA SER C 140 20.68 -20.39 -16.46
C SER C 140 22.19 -20.60 -16.42
N ASP C 141 22.95 -19.50 -16.47
CA ASP C 141 24.41 -19.56 -16.45
C ASP C 141 25.02 -19.98 -15.11
N VAL C 142 24.32 -19.69 -14.02
CA VAL C 142 24.82 -20.00 -12.67
C VAL C 142 23.91 -20.83 -11.78
N ALA C 143 22.94 -21.51 -12.38
CA ALA C 143 22.01 -22.36 -11.63
C ALA C 143 21.46 -23.52 -12.46
N ARG C 144 20.89 -24.51 -11.78
CA ARG C 144 20.30 -25.68 -12.42
C ARG C 144 18.86 -25.33 -12.82
N THR C 145 18.71 -24.51 -13.86
CA THR C 145 17.39 -24.09 -14.33
C THR C 145 17.40 -23.53 -15.76
N LEU C 146 16.23 -23.51 -16.37
CA LEU C 146 16.05 -23.01 -17.73
C LEU C 146 15.72 -21.52 -17.75
N SER C 147 15.36 -20.99 -16.59
CA SER C 147 15.01 -19.57 -16.42
C SER C 147 16.11 -18.65 -16.94
N PRO C 148 15.75 -17.42 -17.37
CA PRO C 148 14.41 -16.82 -17.41
C PRO C 148 13.67 -16.97 -18.74
N GLY C 149 13.89 -18.09 -19.43
CA GLY C 149 13.23 -18.32 -20.70
C GLY C 149 14.12 -17.97 -21.87
N GLN C 150 14.08 -18.78 -22.93
CA GLN C 150 14.90 -18.55 -24.12
C GLN C 150 14.61 -17.21 -24.78
N ALA C 151 13.32 -16.88 -24.92
CA ALA C 151 12.90 -15.62 -25.54
C ALA C 151 13.39 -14.39 -24.79
N LEU C 152 13.37 -14.46 -23.47
CA LEU C 152 13.80 -13.36 -22.62
C LEU C 152 15.33 -13.32 -22.55
N TYR C 153 15.94 -14.51 -22.52
CA TYR C 153 17.39 -14.66 -22.47
C TYR C 153 18.04 -14.04 -23.71
N ASN C 154 17.53 -14.36 -24.90
CA ASN C 154 18.09 -13.83 -26.13
C ASN C 154 18.09 -12.31 -26.17
N ILE C 155 17.05 -11.70 -25.61
CA ILE C 155 16.94 -10.25 -25.60
C ILE C 155 17.93 -9.55 -24.67
N ILE C 156 18.18 -10.14 -23.51
CA ILE C 156 19.10 -9.57 -22.53
C ILE C 156 20.58 -9.77 -22.90
N SER C 157 20.84 -10.72 -23.78
CA SER C 157 22.19 -11.02 -24.22
C SER C 157 22.89 -9.84 -24.90
N THR C 158 22.09 -8.86 -25.36
CA THR C 158 22.66 -7.68 -26.03
C THR C 158 22.85 -6.53 -25.05
N TRP C 159 22.19 -6.61 -23.91
CA TRP C 159 22.28 -5.59 -22.88
C TRP C 159 23.73 -5.42 -22.40
N PRO C 160 24.05 -4.27 -21.78
CA PRO C 160 25.39 -3.96 -21.27
C PRO C 160 25.85 -4.84 -20.11
N HIS C 161 27.16 -4.98 -19.97
CA HIS C 161 27.77 -5.76 -18.89
C HIS C 161 27.39 -7.24 -18.86
N PHE C 162 26.69 -7.72 -19.89
CA PHE C 162 26.31 -9.13 -19.91
C PHE C 162 27.57 -9.98 -19.96
N LYS C 163 27.54 -11.14 -19.30
CA LYS C 163 28.70 -12.02 -19.26
C LYS C 163 28.64 -13.17 -20.26
N HIS C 164 29.38 -13.02 -21.37
CA HIS C 164 29.45 -14.04 -22.41
C HIS C 164 30.09 -13.48 -23.67
N ALA D 1 13.56 -20.80 -8.39
CA ALA D 1 14.53 -20.56 -7.32
C ALA D 1 15.50 -21.74 -7.20
N LYS D 3 18.56 -21.67 -1.44
CA LYS D 3 19.34 -21.13 -0.31
C LYS D 3 20.53 -22.01 0.01
#